data_6GNZ
#
_entry.id   6GNZ
#
_entity_poly.entity_id   1
_entity_poly.type   'polypeptide(L)'
_entity_poly.pdbx_seq_one_letter_code
;RNKLAYNMGHYAGKATIFGLAAWALLA
;
_entity_poly.pdbx_strand_id   A
#
# COMPACT_ATOMS: atom_id res chain seq x y z
N ARG A 1 -13.03 -10.93 2.65
CA ARG A 1 -13.02 -11.36 4.05
C ARG A 1 -11.72 -10.89 4.74
N ASN A 2 -10.85 -10.26 3.98
CA ASN A 2 -9.57 -9.83 4.50
C ASN A 2 -9.54 -8.34 4.78
N LYS A 3 -9.00 -7.99 5.92
CA LYS A 3 -8.86 -6.65 6.38
C LYS A 3 -8.12 -6.72 7.71
N LEU A 4 -7.23 -5.78 7.98
CA LEU A 4 -6.42 -5.78 9.17
C LEU A 4 -5.47 -4.60 9.09
N ALA A 5 -4.89 -4.22 10.21
CA ALA A 5 -3.94 -3.12 10.26
C ALA A 5 -2.74 -3.38 9.34
N TYR A 6 -2.41 -4.64 9.19
CA TYR A 6 -1.32 -5.05 8.34
C TYR A 6 -1.77 -5.16 6.89
N ASN A 7 -3.04 -5.36 6.71
CA ASN A 7 -3.60 -5.42 5.38
C ASN A 7 -3.72 -4.04 4.79
N MET A 8 -4.48 -3.19 5.43
CA MET A 8 -4.70 -1.85 4.94
C MET A 8 -3.54 -0.90 5.22
N GLY A 9 -3.24 -0.69 6.50
CA GLY A 9 -2.22 0.27 6.89
C GLY A 9 -0.84 -0.06 6.41
N HIS A 10 -0.44 -1.32 6.55
CA HIS A 10 0.88 -1.72 6.15
C HIS A 10 1.03 -1.64 4.62
N TYR A 11 -0.01 -2.06 3.90
CA TYR A 11 -0.01 -1.94 2.43
C TYR A 11 -0.04 -0.53 1.98
N ALA A 12 -0.71 0.34 2.72
CA ALA A 12 -0.76 1.76 2.41
C ALA A 12 0.65 2.33 2.36
N GLY A 13 1.50 1.85 3.26
CA GLY A 13 2.89 2.25 3.27
C GLY A 13 3.59 1.80 2.01
N LYS A 14 3.41 0.53 1.65
CA LYS A 14 4.04 -0.05 0.45
C LYS A 14 3.56 0.62 -0.80
N ALA A 15 2.26 0.78 -0.90
CA ALA A 15 1.65 1.35 -2.07
C ALA A 15 2.03 2.81 -2.24
N THR A 16 2.23 3.52 -1.15
CA THR A 16 2.62 4.89 -1.26
C THR A 16 4.10 5.02 -1.65
N ILE A 17 4.95 4.13 -1.15
CA ILE A 17 6.33 4.20 -1.55
C ILE A 17 6.56 3.59 -2.96
N PHE A 18 6.14 2.37 -3.17
CA PHE A 18 6.33 1.68 -4.43
C PHE A 18 5.32 2.10 -5.49
N GLY A 19 4.05 1.86 -5.19
CA GLY A 19 2.96 2.11 -6.14
C GLY A 19 2.92 3.53 -6.59
N LEU A 20 2.92 4.44 -5.65
CA LEU A 20 2.87 5.84 -5.94
C LEU A 20 4.09 6.30 -6.72
N ALA A 21 5.24 5.66 -6.51
CA ALA A 21 6.47 6.02 -7.25
C ALA A 21 6.26 5.81 -8.73
N ALA A 22 5.51 4.80 -9.08
CA ALA A 22 5.23 4.50 -10.47
C ALA A 22 4.34 5.55 -11.08
N TRP A 23 3.50 6.11 -10.28
CA TRP A 23 2.57 7.08 -10.74
C TRP A 23 3.10 8.50 -10.65
N ALA A 24 3.72 8.83 -9.57
CA ALA A 24 4.26 10.15 -9.38
C ALA A 24 5.57 10.34 -10.17
N LEU A 25 6.53 9.49 -9.89
CA LEU A 25 7.88 9.56 -10.42
C LEU A 25 8.02 8.97 -11.84
N LEU A 26 7.34 7.89 -12.09
CA LEU A 26 7.51 7.14 -13.34
C LEU A 26 6.54 7.59 -14.44
N ALA A 27 5.51 8.26 -14.08
CA ALA A 27 4.51 8.68 -15.04
C ALA A 27 4.64 10.16 -15.39
N ARG A 1 11.47 2.97 -3.59
CA ARG A 1 11.38 4.33 -3.10
C ARG A 1 10.24 4.99 -3.79
N ASN A 2 9.47 5.72 -3.05
CA ASN A 2 8.25 6.25 -3.58
C ASN A 2 8.39 7.73 -3.85
N LYS A 3 7.88 8.16 -4.98
CA LYS A 3 7.93 9.55 -5.39
C LYS A 3 6.86 9.88 -6.41
N LEU A 4 6.67 8.98 -7.32
CA LEU A 4 5.72 9.14 -8.39
C LEU A 4 4.34 8.71 -7.91
N ALA A 5 3.31 9.14 -8.65
CA ALA A 5 1.91 8.88 -8.35
C ALA A 5 1.62 7.40 -8.17
N TYR A 6 2.22 6.61 -9.00
CA TYR A 6 2.03 5.17 -8.92
C TYR A 6 2.88 4.55 -7.84
N ASN A 7 3.92 5.22 -7.41
CA ASN A 7 4.72 4.67 -6.35
C ASN A 7 3.99 4.86 -5.04
N MET A 8 3.79 6.10 -4.69
CA MET A 8 3.16 6.43 -3.44
C MET A 8 1.64 6.30 -3.45
N GLY A 9 0.98 7.06 -4.31
CA GLY A 9 -0.47 7.11 -4.34
C GLY A 9 -1.11 5.77 -4.64
N HIS A 10 -0.57 5.08 -5.62
CA HIS A 10 -1.12 3.79 -6.00
C HIS A 10 -0.89 2.74 -4.90
N TYR A 11 0.29 2.74 -4.31
CA TYR A 11 0.60 1.81 -3.21
C TYR A 11 -0.18 2.11 -1.96
N ALA A 12 -0.46 3.39 -1.73
CA ALA A 12 -1.21 3.81 -0.55
C ALA A 12 -2.54 3.09 -0.50
N GLY A 13 -3.20 3.01 -1.64
CA GLY A 13 -4.49 2.35 -1.72
C GLY A 13 -4.38 0.86 -1.39
N LYS A 14 -3.31 0.24 -1.84
CA LYS A 14 -3.09 -1.18 -1.59
C LYS A 14 -2.65 -1.43 -0.16
N ALA A 15 -1.90 -0.49 0.38
CA ALA A 15 -1.41 -0.62 1.72
C ALA A 15 -2.51 -0.42 2.75
N THR A 16 -3.52 0.34 2.40
CA THR A 16 -4.62 0.51 3.30
C THR A 16 -5.50 -0.75 3.33
N ILE A 17 -5.71 -1.37 2.17
CA ILE A 17 -6.49 -2.57 2.16
C ILE A 17 -5.70 -3.77 2.69
N PHE A 18 -4.55 -4.04 2.09
CA PHE A 18 -3.73 -5.17 2.47
C PHE A 18 -2.92 -4.91 3.72
N GLY A 19 -2.04 -3.92 3.64
CA GLY A 19 -1.12 -3.59 4.72
C GLY A 19 -1.79 -3.31 6.03
N LEU A 20 -2.82 -2.50 5.99
CA LEU A 20 -3.54 -2.18 7.19
C LEU A 20 -4.30 -3.40 7.73
N ALA A 21 -4.74 -4.30 6.84
CA ALA A 21 -5.44 -5.51 7.26
C ALA A 21 -4.49 -6.41 8.01
N ALA A 22 -3.22 -6.30 7.72
CA ALA A 22 -2.19 -7.05 8.41
C ALA A 22 -2.10 -6.60 9.85
N TRP A 23 -2.38 -5.35 10.10
CA TRP A 23 -2.32 -4.87 11.44
C TRP A 23 -3.66 -5.03 12.15
N ALA A 24 -4.73 -4.73 11.45
CA ALA A 24 -6.05 -4.84 12.04
C ALA A 24 -6.55 -6.30 12.15
N LEU A 25 -6.57 -6.97 11.01
CA LEU A 25 -7.09 -8.34 10.92
C LEU A 25 -6.11 -9.44 11.33
N LEU A 26 -4.83 -9.20 11.18
CA LEU A 26 -3.83 -10.23 11.44
C LEU A 26 -3.22 -10.13 12.82
N ALA A 27 -3.21 -8.96 13.34
CA ALA A 27 -2.57 -8.72 14.61
C ALA A 27 -3.59 -8.55 15.72
N ARG A 1 13.27 6.25 -3.80
CA ARG A 1 12.72 5.00 -4.32
C ARG A 1 12.10 5.26 -5.71
N ASN A 2 12.39 6.45 -6.28
CA ASN A 2 11.79 6.93 -7.54
C ASN A 2 10.33 7.32 -7.30
N LYS A 3 10.07 8.61 -7.25
CA LYS A 3 8.75 9.09 -6.97
C LYS A 3 7.88 8.95 -8.19
N LEU A 4 7.12 7.93 -8.23
CA LEU A 4 6.22 7.71 -9.29
C LEU A 4 4.90 7.34 -8.67
N ALA A 5 3.82 7.76 -9.29
CA ALA A 5 2.48 7.49 -8.79
C ALA A 5 2.22 5.99 -8.72
N TYR A 6 2.76 5.28 -9.65
CA TYR A 6 2.60 3.84 -9.70
C TYR A 6 3.47 3.13 -8.67
N ASN A 7 4.59 3.73 -8.33
CA ASN A 7 5.46 3.14 -7.32
C ASN A 7 4.88 3.37 -5.96
N MET A 8 4.78 4.63 -5.60
CA MET A 8 4.32 4.99 -4.28
C MET A 8 2.81 4.87 -4.13
N GLY A 9 2.08 5.65 -4.93
CA GLY A 9 0.62 5.73 -4.80
C GLY A 9 -0.11 4.43 -5.05
N HIS A 10 0.27 3.74 -6.12
CA HIS A 10 -0.37 2.48 -6.49
C HIS A 10 -0.14 1.43 -5.39
N TYR A 11 1.06 1.40 -4.85
CA TYR A 11 1.37 0.50 -3.75
C TYR A 11 0.74 0.93 -2.47
N ALA A 12 0.61 2.23 -2.27
CA ALA A 12 0.04 2.79 -1.04
C ALA A 12 -1.34 2.23 -0.79
N GLY A 13 -2.18 2.30 -1.80
CA GLY A 13 -3.53 1.80 -1.69
C GLY A 13 -3.55 0.32 -1.38
N LYS A 14 -2.66 -0.41 -2.02
CA LYS A 14 -2.63 -1.84 -1.86
C LYS A 14 -2.01 -2.24 -0.52
N ALA A 15 -1.06 -1.45 -0.07
CA ALA A 15 -0.39 -1.69 1.19
C ALA A 15 -1.29 -1.40 2.37
N THR A 16 -2.18 -0.46 2.22
CA THR A 16 -3.11 -0.16 3.28
C THR A 16 -4.18 -1.26 3.37
N ILE A 17 -4.61 -1.80 2.27
CA ILE A 17 -5.56 -2.88 2.37
C ILE A 17 -4.89 -4.22 2.73
N PHE A 18 -3.90 -4.63 1.96
CA PHE A 18 -3.24 -5.91 2.15
C PHE A 18 -2.22 -5.89 3.28
N GLY A 19 -1.28 -4.96 3.19
CA GLY A 19 -0.21 -4.87 4.16
C GLY A 19 -0.70 -4.58 5.54
N LEU A 20 -1.50 -3.54 5.65
CA LEU A 20 -2.06 -3.13 6.91
C LEU A 20 -2.92 -4.24 7.52
N ALA A 21 -3.54 -5.07 6.67
CA ALA A 21 -4.33 -6.21 7.12
C ALA A 21 -3.55 -7.13 8.06
N ALA A 22 -2.23 -7.14 7.96
CA ALA A 22 -1.42 -7.95 8.84
C ALA A 22 -1.51 -7.45 10.27
N TRP A 23 -1.59 -6.16 10.43
CA TRP A 23 -1.69 -5.58 11.74
C TRP A 23 -3.14 -5.40 12.17
N ALA A 24 -3.97 -5.08 11.23
CA ALA A 24 -5.38 -4.89 11.49
C ALA A 24 -6.14 -6.21 11.66
N LEU A 25 -6.12 -7.00 10.60
CA LEU A 25 -6.87 -8.25 10.52
C LEU A 25 -6.17 -9.43 11.20
N LEU A 26 -4.88 -9.56 10.95
CA LEU A 26 -4.09 -10.71 11.39
C LEU A 26 -3.65 -10.61 12.84
N ALA A 27 -3.69 -9.45 13.37
CA ALA A 27 -3.26 -9.24 14.73
C ALA A 27 -4.45 -9.06 15.67
N ARG A 1 15.63 5.55 -5.46
CA ARG A 1 15.06 6.80 -5.96
C ARG A 1 13.77 6.52 -6.67
N ASN A 2 13.11 7.59 -7.07
CA ASN A 2 11.93 7.58 -7.92
C ASN A 2 10.66 7.15 -7.23
N LYS A 3 9.57 7.56 -7.80
CA LYS A 3 8.25 7.22 -7.35
C LYS A 3 7.35 7.26 -8.57
N LEU A 4 6.10 6.96 -8.37
CA LEU A 4 5.12 6.94 -9.43
C LEU A 4 3.80 6.78 -8.75
N ALA A 5 2.74 7.01 -9.46
CA ALA A 5 1.39 6.82 -8.94
C ALA A 5 1.16 5.37 -8.55
N TYR A 6 1.74 4.48 -9.32
CA TYR A 6 1.63 3.07 -9.05
C TYR A 6 2.58 2.65 -7.93
N ASN A 7 3.62 3.41 -7.78
CA ASN A 7 4.59 3.15 -6.74
C ASN A 7 4.04 3.57 -5.40
N MET A 8 3.76 4.84 -5.28
CA MET A 8 3.26 5.38 -4.05
C MET A 8 1.77 5.14 -3.81
N GLY A 9 0.93 5.66 -4.70
CA GLY A 9 -0.52 5.61 -4.50
C GLY A 9 -1.10 4.23 -4.54
N HIS A 10 -0.69 3.45 -5.52
CA HIS A 10 -1.20 2.10 -5.68
C HIS A 10 -0.77 1.23 -4.49
N TYR A 11 0.48 1.38 -4.05
CA TYR A 11 0.96 0.66 -2.89
C TYR A 11 0.36 1.15 -1.59
N ALA A 12 0.08 2.44 -1.49
CA ALA A 12 -0.52 2.99 -0.30
C ALA A 12 -1.87 2.35 -0.05
N GLY A 13 -2.66 2.24 -1.10
CA GLY A 13 -3.95 1.61 -0.98
C GLY A 13 -3.80 0.11 -0.74
N LYS A 14 -2.85 -0.49 -1.45
CA LYS A 14 -2.54 -1.92 -1.33
C LYS A 14 -2.10 -2.29 0.08
N ALA A 15 -1.28 -1.46 0.67
CA ALA A 15 -0.79 -1.68 2.02
C ALA A 15 -1.90 -1.46 3.04
N THR A 16 -2.86 -0.64 2.70
CA THR A 16 -3.99 -0.40 3.55
C THR A 16 -4.93 -1.61 3.53
N ILE A 17 -5.11 -2.21 2.36
CA ILE A 17 -5.94 -3.38 2.30
C ILE A 17 -5.18 -4.61 2.83
N PHE A 18 -4.02 -4.90 2.27
CA PHE A 18 -3.26 -6.07 2.66
C PHE A 18 -2.50 -5.92 3.97
N GLY A 19 -1.55 -4.99 4.01
CA GLY A 19 -0.72 -4.78 5.19
C GLY A 19 -1.53 -4.49 6.42
N LEU A 20 -2.47 -3.57 6.31
CA LEU A 20 -3.35 -3.26 7.41
C LEU A 20 -4.23 -4.42 7.82
N ALA A 21 -4.61 -5.27 6.89
CA ALA A 21 -5.40 -6.46 7.23
C ALA A 21 -4.62 -7.37 8.17
N ALA A 22 -3.32 -7.37 8.03
CA ALA A 22 -2.48 -8.16 8.91
C ALA A 22 -2.44 -7.57 10.30
N TRP A 23 -2.55 -6.29 10.40
CA TRP A 23 -2.50 -5.69 11.70
C TRP A 23 -3.90 -5.59 12.32
N ALA A 24 -4.86 -5.20 11.54
CA ALA A 24 -6.22 -5.09 12.00
C ALA A 24 -6.92 -6.44 12.15
N LEU A 25 -6.92 -7.20 11.10
CA LEU A 25 -7.63 -8.48 11.06
C LEU A 25 -6.88 -9.65 11.71
N LEU A 26 -5.57 -9.60 11.73
CA LEU A 26 -4.77 -10.71 12.23
C LEU A 26 -4.28 -10.49 13.65
N ALA A 27 -4.12 -9.28 14.00
CA ALA A 27 -3.55 -8.94 15.30
C ALA A 27 -4.60 -8.47 16.29
N ARG A 1 13.89 7.45 -10.11
CA ARG A 1 13.11 8.14 -9.11
C ARG A 1 12.89 7.21 -7.95
N ASN A 2 12.26 7.68 -6.93
CA ASN A 2 11.93 6.88 -5.78
C ASN A 2 10.45 6.82 -5.62
N LYS A 3 9.84 7.94 -5.74
CA LYS A 3 8.42 8.06 -5.58
C LYS A 3 7.76 8.07 -6.95
N LEU A 4 6.52 7.67 -6.98
CA LEU A 4 5.70 7.67 -8.15
C LEU A 4 4.26 7.67 -7.68
N ALA A 5 3.36 8.11 -8.53
CA ALA A 5 1.93 8.12 -8.23
C ALA A 5 1.45 6.72 -7.91
N TYR A 6 1.88 5.79 -8.71
CA TYR A 6 1.53 4.38 -8.53
C TYR A 6 2.28 3.76 -7.37
N ASN A 7 3.37 4.35 -6.99
CA ASN A 7 4.16 3.84 -5.88
C ASN A 7 3.45 4.20 -4.58
N MET A 8 3.26 5.47 -4.38
CA MET A 8 2.62 5.95 -3.18
C MET A 8 1.11 5.78 -3.17
N GLY A 9 0.44 6.34 -4.17
CA GLY A 9 -1.00 6.39 -4.19
C GLY A 9 -1.65 5.05 -4.48
N HIS A 10 -1.16 4.36 -5.48
CA HIS A 10 -1.74 3.09 -5.87
C HIS A 10 -1.51 2.02 -4.79
N TYR A 11 -0.31 1.99 -4.24
CA TYR A 11 -0.02 1.08 -3.15
C TYR A 11 -0.74 1.46 -1.89
N ALA A 12 -1.01 2.74 -1.69
CA ALA A 12 -1.77 3.19 -0.51
C ALA A 12 -3.11 2.49 -0.45
N GLY A 13 -3.77 2.37 -1.59
CA GLY A 13 -5.04 1.70 -1.63
C GLY A 13 -4.88 0.20 -1.47
N LYS A 14 -3.93 -0.36 -2.19
CA LYS A 14 -3.75 -1.81 -2.21
C LYS A 14 -3.17 -2.34 -0.90
N ALA A 15 -2.36 -1.54 -0.25
CA ALA A 15 -1.79 -1.95 1.02
C ALA A 15 -2.83 -1.86 2.10
N THR A 16 -3.77 -0.97 1.95
CA THR A 16 -4.81 -0.86 2.95
C THR A 16 -5.83 -2.00 2.81
N ILE A 17 -6.14 -2.39 1.59
CA ILE A 17 -7.04 -3.50 1.43
C ILE A 17 -6.33 -4.85 1.69
N PHE A 18 -5.24 -5.10 0.96
CA PHE A 18 -4.51 -6.36 1.09
C PHE A 18 -3.58 -6.41 2.30
N GLY A 19 -2.61 -5.50 2.33
CA GLY A 19 -1.61 -5.46 3.39
C GLY A 19 -2.19 -5.35 4.76
N LEU A 20 -3.12 -4.45 4.92
CA LEU A 20 -3.75 -4.22 6.19
C LEU A 20 -4.54 -5.42 6.63
N ALA A 21 -5.08 -6.17 5.66
CA ALA A 21 -5.83 -7.39 5.98
C ALA A 21 -4.94 -8.41 6.70
N ALA A 22 -3.66 -8.35 6.43
CA ALA A 22 -2.70 -9.23 7.08
C ALA A 22 -2.46 -8.80 8.51
N TRP A 23 -2.55 -7.53 8.74
CA TRP A 23 -2.31 -7.02 10.06
C TRP A 23 -3.58 -6.96 10.90
N ALA A 24 -4.61 -6.46 10.33
CA ALA A 24 -5.87 -6.35 11.02
C ALA A 24 -6.59 -7.70 11.15
N LEU A 25 -6.81 -8.33 10.01
CA LEU A 25 -7.59 -9.56 9.95
C LEU A 25 -6.80 -10.83 10.30
N LEU A 26 -5.52 -10.84 10.00
CA LEU A 26 -4.71 -12.03 10.15
C LEU A 26 -3.89 -12.04 11.44
N ALA A 27 -3.71 -10.89 11.99
CA ALA A 27 -2.90 -10.76 13.17
C ALA A 27 -3.73 -10.34 14.40
N ARG A 1 0.16 -6.73 16.27
CA ARG A 1 0.04 -5.57 15.40
C ARG A 1 -1.26 -5.67 14.67
N ASN A 2 -1.54 -4.72 13.82
CA ASN A 2 -2.72 -4.77 12.98
C ASN A 2 -2.40 -5.63 11.79
N LYS A 3 -3.02 -6.78 11.71
CA LYS A 3 -2.82 -7.64 10.58
C LYS A 3 -4.13 -8.29 10.24
N LEU A 4 -4.41 -8.40 8.97
CA LEU A 4 -5.65 -8.94 8.45
C LEU A 4 -5.51 -8.93 6.96
N ALA A 5 -6.39 -9.60 6.26
CA ALA A 5 -6.37 -9.62 4.81
C ALA A 5 -6.62 -8.23 4.27
N TYR A 6 -7.44 -7.48 4.97
CA TYR A 6 -7.71 -6.11 4.62
C TYR A 6 -6.61 -5.19 5.09
N ASN A 7 -5.82 -5.66 6.00
CA ASN A 7 -4.69 -4.89 6.43
C ASN A 7 -3.60 -4.99 5.40
N MET A 8 -3.13 -6.19 5.17
CA MET A 8 -2.03 -6.42 4.26
C MET A 8 -2.42 -6.32 2.81
N GLY A 9 -3.32 -7.19 2.37
CA GLY A 9 -3.71 -7.24 0.97
C GLY A 9 -4.36 -5.97 0.45
N HIS A 10 -5.29 -5.45 1.21
CA HIS A 10 -6.02 -4.24 0.82
C HIS A 10 -5.07 -3.03 0.78
N TYR A 11 -4.20 -2.90 1.77
CA TYR A 11 -3.24 -1.80 1.76
C TYR A 11 -2.15 -2.00 0.77
N ALA A 12 -1.73 -3.23 0.55
CA ALA A 12 -0.70 -3.52 -0.43
C ALA A 12 -1.17 -3.07 -1.80
N GLY A 13 -2.43 -3.34 -2.10
CA GLY A 13 -3.00 -2.90 -3.35
C GLY A 13 -3.01 -1.39 -3.46
N LYS A 14 -3.47 -0.72 -2.42
CA LYS A 14 -3.57 0.74 -2.41
C LYS A 14 -2.23 1.42 -2.41
N ALA A 15 -1.30 0.87 -1.68
CA ALA A 15 0.03 1.43 -1.62
C ALA A 15 0.78 1.18 -2.91
N THR A 16 0.51 0.08 -3.55
CA THR A 16 1.16 -0.20 -4.81
C THR A 16 0.55 0.63 -5.95
N ILE A 17 -0.75 0.83 -5.93
CA ILE A 17 -1.34 1.64 -6.98
C ILE A 17 -1.09 3.14 -6.74
N PHE A 18 -1.46 3.64 -5.59
CA PHE A 18 -1.27 5.05 -5.26
C PHE A 18 0.13 5.41 -4.85
N GLY A 19 0.59 4.80 -3.76
CA GLY A 19 1.89 5.11 -3.18
C GLY A 19 3.03 4.91 -4.14
N LEU A 20 3.08 3.74 -4.74
CA LEU A 20 4.11 3.41 -5.68
C LEU A 20 4.07 4.32 -6.90
N ALA A 21 2.87 4.83 -7.27
CA ALA A 21 2.73 5.74 -8.40
C ALA A 21 3.55 7.01 -8.19
N ALA A 22 3.72 7.40 -6.94
CA ALA A 22 4.51 8.56 -6.61
C ALA A 22 5.99 8.30 -6.85
N TRP A 23 6.40 7.08 -6.68
CA TRP A 23 7.79 6.76 -6.87
C TRP A 23 8.08 6.34 -8.30
N ALA A 24 7.19 5.58 -8.87
CA ALA A 24 7.34 5.11 -10.22
C ALA A 24 7.00 6.20 -11.24
N LEU A 25 5.77 6.67 -11.18
CA LEU A 25 5.24 7.60 -12.16
C LEU A 25 5.60 9.06 -11.91
N LEU A 26 5.83 9.43 -10.67
CA LEU A 26 6.09 10.83 -10.32
C LEU A 26 7.56 11.16 -10.27
N ALA A 27 8.33 10.18 -9.99
CA ALA A 27 9.75 10.38 -9.78
C ALA A 27 10.58 10.02 -11.01
N ARG A 1 1.61 -3.15 13.37
CA ARG A 1 1.94 -4.46 13.92
C ARG A 1 0.74 -5.39 13.93
N ASN A 2 -0.38 -4.90 13.47
CA ASN A 2 -1.58 -5.71 13.37
C ASN A 2 -1.70 -6.21 11.95
N LYS A 3 -2.38 -7.31 11.73
CA LYS A 3 -2.46 -7.89 10.41
C LYS A 3 -3.88 -8.34 10.08
N LEU A 4 -4.24 -8.21 8.81
CA LEU A 4 -5.52 -8.63 8.27
C LEU A 4 -5.41 -8.48 6.76
N ALA A 5 -6.37 -9.03 6.01
CA ALA A 5 -6.33 -9.03 4.56
C ALA A 5 -6.31 -7.63 3.99
N TYR A 6 -7.12 -6.78 4.54
CA TYR A 6 -7.17 -5.39 4.09
C TYR A 6 -6.02 -4.59 4.64
N ASN A 7 -5.48 -5.04 5.72
CA ASN A 7 -4.37 -4.34 6.33
C ASN A 7 -3.11 -4.60 5.53
N MET A 8 -2.72 -5.84 5.47
CA MET A 8 -1.51 -6.21 4.79
C MET A 8 -1.67 -6.22 3.27
N GLY A 9 -2.69 -6.91 2.81
CA GLY A 9 -2.87 -7.12 1.39
C GLY A 9 -3.34 -5.90 0.62
N HIS A 10 -4.33 -5.22 1.15
CA HIS A 10 -4.89 -4.04 0.49
C HIS A 10 -3.86 -2.92 0.47
N TYR A 11 -3.08 -2.82 1.54
CA TYR A 11 -2.00 -1.85 1.57
C TYR A 11 -0.85 -2.26 0.69
N ALA A 12 -0.65 -3.56 0.51
CA ALA A 12 0.37 -4.04 -0.39
C ALA A 12 0.07 -3.58 -1.80
N GLY A 13 -1.19 -3.73 -2.20
CA GLY A 13 -1.62 -3.28 -3.50
C GLY A 13 -1.51 -1.78 -3.62
N LYS A 14 -1.98 -1.08 -2.59
CA LYS A 14 -1.96 0.38 -2.50
C LYS A 14 -0.56 0.92 -2.67
N ALA A 15 0.36 0.38 -1.90
CA ALA A 15 1.73 0.82 -1.90
C ALA A 15 2.44 0.43 -3.18
N THR A 16 2.02 -0.64 -3.80
CA THR A 16 2.61 -1.05 -5.04
C THR A 16 2.15 -0.15 -6.19
N ILE A 17 0.90 0.24 -6.20
CA ILE A 17 0.46 1.12 -7.24
C ILE A 17 0.90 2.58 -6.97
N PHE A 18 0.57 3.11 -5.82
CA PHE A 18 0.90 4.49 -5.48
C PHE A 18 2.34 4.67 -5.05
N GLY A 19 2.71 4.03 -3.95
CA GLY A 19 4.05 4.16 -3.38
C GLY A 19 5.14 3.80 -4.35
N LEU A 20 4.98 2.69 -5.02
CA LEU A 20 5.94 2.30 -6.03
C LEU A 20 5.97 3.23 -7.20
N ALA A 21 4.85 3.84 -7.54
CA ALA A 21 4.83 4.83 -8.61
C ALA A 21 5.65 6.04 -8.23
N ALA A 22 5.76 6.30 -6.95
CA ALA A 22 6.56 7.41 -6.49
C ALA A 22 8.03 7.10 -6.66
N TRP A 23 8.37 5.84 -6.53
CA TRP A 23 9.75 5.45 -6.65
C TRP A 23 10.13 5.05 -8.08
N ALA A 24 9.28 4.31 -8.73
CA ALA A 24 9.52 3.90 -10.09
C ALA A 24 9.28 5.03 -11.09
N LEU A 25 8.07 5.56 -11.06
CA LEU A 25 7.60 6.55 -12.02
C LEU A 25 8.07 7.99 -11.71
N LEU A 26 8.01 8.37 -10.46
CA LEU A 26 8.25 9.73 -10.03
C LEU A 26 9.72 10.02 -9.76
N ALA A 27 10.49 9.00 -9.58
CA ALA A 27 11.89 9.17 -9.23
C ALA A 27 12.79 9.19 -10.46
N ARG A 1 3.18 -4.49 14.50
CA ARG A 1 1.81 -4.67 14.97
C ARG A 1 0.87 -4.37 13.84
N ASN A 2 -0.41 -4.69 14.04
CA ASN A 2 -1.50 -4.41 13.10
C ASN A 2 -1.45 -5.30 11.86
N LYS A 3 -0.67 -6.38 11.93
CA LYS A 3 -0.62 -7.33 10.83
C LYS A 3 -2.01 -7.92 10.63
N LEU A 4 -2.43 -7.97 9.40
CA LEU A 4 -3.75 -8.38 9.06
C LEU A 4 -3.79 -8.57 7.58
N ALA A 5 -4.74 -9.36 7.11
CA ALA A 5 -4.94 -9.56 5.69
C ALA A 5 -5.09 -8.23 4.96
N TYR A 6 -5.78 -7.30 5.60
CA TYR A 6 -5.96 -5.96 5.05
C TYR A 6 -4.72 -5.12 5.21
N ASN A 7 -3.89 -5.46 6.17
CA ASN A 7 -2.65 -4.74 6.37
C ASN A 7 -1.65 -5.12 5.30
N MET A 8 -1.37 -6.38 5.22
CA MET A 8 -0.41 -6.85 4.25
C MET A 8 -0.98 -6.90 2.83
N GLY A 9 -2.01 -7.70 2.66
CA GLY A 9 -2.55 -7.96 1.36
C GLY A 9 -3.25 -6.77 0.73
N HIS A 10 -4.08 -6.10 1.49
CA HIS A 10 -4.84 -4.98 0.94
C HIS A 10 -3.94 -3.76 0.67
N TYR A 11 -3.00 -3.48 1.58
CA TYR A 11 -2.05 -2.40 1.35
C TYR A 11 -1.18 -2.67 0.18
N ALA A 12 -0.88 -3.94 -0.08
CA ALA A 12 -0.06 -4.32 -1.21
C ALA A 12 -0.67 -3.80 -2.51
N GLY A 13 -1.98 -3.83 -2.59
CA GLY A 13 -2.66 -3.31 -3.75
C GLY A 13 -2.56 -1.80 -3.82
N LYS A 14 -2.84 -1.13 -2.71
CA LYS A 14 -2.83 0.33 -2.65
C LYS A 14 -1.42 0.89 -2.78
N ALA A 15 -0.46 0.18 -2.29
CA ALA A 15 0.92 0.59 -2.38
C ALA A 15 1.45 0.39 -3.78
N THR A 16 0.91 -0.57 -4.50
CA THR A 16 1.33 -0.77 -5.86
C THR A 16 0.71 0.30 -6.78
N ILE A 17 -0.52 0.67 -6.54
CA ILE A 17 -1.09 1.72 -7.36
C ILE A 17 -0.58 3.11 -6.93
N PHE A 18 -0.76 3.46 -5.66
CA PHE A 18 -0.36 4.79 -5.17
C PHE A 18 1.12 4.91 -4.91
N GLY A 19 1.65 3.99 -4.12
CA GLY A 19 3.05 4.03 -3.71
C GLY A 19 3.99 3.88 -4.87
N LEU A 20 3.78 2.85 -5.66
CA LEU A 20 4.60 2.60 -6.82
C LEU A 20 4.55 3.76 -7.81
N ALA A 21 3.43 4.48 -7.87
CA ALA A 21 3.31 5.66 -8.73
C ALA A 21 4.35 6.70 -8.36
N ALA A 22 4.70 6.76 -7.10
CA ALA A 22 5.69 7.70 -6.63
C ALA A 22 7.09 7.28 -7.09
N TRP A 23 7.30 6.01 -7.22
CA TRP A 23 8.60 5.53 -7.62
C TRP A 23 8.73 5.41 -9.12
N ALA A 24 7.72 4.89 -9.76
CA ALA A 24 7.72 4.73 -11.20
C ALA A 24 7.49 6.05 -11.93
N LEU A 25 6.38 6.68 -11.60
CA LEU A 25 5.94 7.88 -12.29
C LEU A 25 6.62 9.17 -11.80
N LEU A 26 6.89 9.25 -10.52
CA LEU A 26 7.39 10.48 -9.92
C LEU A 26 8.92 10.53 -9.86
N ALA A 27 9.54 9.41 -9.90
CA ALA A 27 10.98 9.33 -9.77
C ALA A 27 11.65 8.99 -11.10
N ARG A 1 -12.30 -10.59 1.06
CA ARG A 1 -11.01 -10.01 1.40
C ARG A 1 -10.83 -10.17 2.89
N ASN A 2 -9.67 -9.82 3.38
CA ASN A 2 -9.39 -9.92 4.80
C ASN A 2 -9.22 -8.57 5.37
N LYS A 3 -10.04 -8.21 6.30
CA LYS A 3 -9.87 -6.95 6.95
C LYS A 3 -8.88 -7.12 8.07
N LEU A 4 -7.69 -6.71 7.81
CA LEU A 4 -6.62 -6.83 8.74
C LEU A 4 -5.83 -5.55 8.67
N ALA A 5 -5.19 -5.18 9.76
CA ALA A 5 -4.42 -3.94 9.84
C ALA A 5 -3.25 -3.96 8.88
N TYR A 6 -2.77 -5.14 8.60
CA TYR A 6 -1.66 -5.31 7.69
C TYR A 6 -2.14 -5.21 6.25
N ASN A 7 -3.37 -5.60 6.02
CA ASN A 7 -3.92 -5.53 4.69
C ASN A 7 -4.27 -4.09 4.34
N MET A 8 -5.17 -3.51 5.11
CA MET A 8 -5.56 -2.13 4.84
C MET A 8 -4.54 -1.08 5.28
N GLY A 9 -4.27 -1.03 6.58
CA GLY A 9 -3.41 0.00 7.16
C GLY A 9 -1.99 -0.03 6.67
N HIS A 10 -1.39 -1.20 6.64
CA HIS A 10 -0.01 -1.34 6.24
C HIS A 10 0.15 -1.00 4.75
N TYR A 11 -0.79 -1.43 3.93
CA TYR A 11 -0.78 -1.13 2.50
C TYR A 11 -1.14 0.30 2.19
N ALA A 12 -1.95 0.93 3.03
CA ALA A 12 -2.32 2.33 2.85
C ALA A 12 -1.07 3.20 2.77
N GLY A 13 -0.13 2.94 3.63
CA GLY A 13 1.11 3.69 3.61
C GLY A 13 2.00 3.26 2.47
N LYS A 14 2.07 1.97 2.23
CA LYS A 14 2.92 1.40 1.19
C LYS A 14 2.50 1.77 -0.20
N ALA A 15 1.21 1.85 -0.44
CA ALA A 15 0.73 2.25 -1.73
C ALA A 15 0.98 3.72 -1.95
N THR A 16 1.02 4.48 -0.90
CA THR A 16 1.31 5.88 -1.03
C THR A 16 2.82 6.12 -1.30
N ILE A 17 3.68 5.40 -0.63
CA ILE A 17 5.09 5.57 -0.91
C ILE A 17 5.52 4.86 -2.22
N PHE A 18 5.25 3.57 -2.31
CA PHE A 18 5.67 2.77 -3.45
C PHE A 18 4.75 2.96 -4.65
N GLY A 19 3.47 2.71 -4.42
CA GLY A 19 2.47 2.74 -5.47
C GLY A 19 2.36 4.10 -6.12
N LEU A 20 2.23 5.11 -5.31
CA LEU A 20 2.13 6.46 -5.80
C LEU A 20 3.40 6.88 -6.54
N ALA A 21 4.56 6.33 -6.13
CA ALA A 21 5.81 6.60 -6.83
C ALA A 21 5.75 6.03 -8.23
N ALA A 22 5.05 4.94 -8.39
CA ALA A 22 4.85 4.33 -9.69
C ALA A 22 4.01 5.22 -10.57
N TRP A 23 3.12 5.94 -9.96
CA TRP A 23 2.27 6.82 -10.71
C TRP A 23 2.93 8.18 -10.93
N ALA A 24 3.53 8.72 -9.91
CA ALA A 24 4.18 10.00 -10.01
C ALA A 24 5.52 9.91 -10.76
N LEU A 25 6.37 9.04 -10.29
CA LEU A 25 7.72 8.90 -10.83
C LEU A 25 7.80 8.06 -12.11
N LEU A 26 6.98 7.05 -12.21
CA LEU A 26 7.10 6.09 -13.31
C LEU A 26 6.15 6.37 -14.46
N ALA A 27 5.13 7.11 -14.21
CA ALA A 27 4.13 7.38 -15.22
C ALA A 27 4.22 8.81 -15.73
N ARG A 1 15.22 9.13 -7.22
CA ARG A 1 14.53 8.05 -6.55
C ARG A 1 13.38 7.61 -7.39
N ASN A 2 12.70 6.58 -6.96
CA ASN A 2 11.59 6.06 -7.70
C ASN A 2 10.30 6.78 -7.32
N LYS A 3 10.05 7.87 -7.98
CA LYS A 3 8.90 8.70 -7.75
C LYS A 3 7.95 8.53 -8.94
N LEU A 4 6.70 8.29 -8.65
CA LEU A 4 5.68 8.12 -9.65
C LEU A 4 4.36 8.00 -8.93
N ALA A 5 3.30 8.42 -9.57
CA ALA A 5 1.94 8.34 -9.03
C ALA A 5 1.57 6.92 -8.64
N TYR A 6 2.14 5.97 -9.34
CA TYR A 6 1.85 4.58 -9.09
C TYR A 6 2.70 4.03 -7.97
N ASN A 7 3.76 4.71 -7.68
CA ASN A 7 4.58 4.34 -6.55
C ASN A 7 3.93 4.78 -5.29
N MET A 8 3.70 6.06 -5.18
CA MET A 8 3.11 6.62 -3.97
C MET A 8 1.59 6.40 -3.87
N GLY A 9 0.85 6.94 -4.82
CA GLY A 9 -0.60 6.90 -4.79
C GLY A 9 -1.19 5.53 -4.97
N HIS A 10 -0.69 4.78 -5.91
CA HIS A 10 -1.20 3.44 -6.15
C HIS A 10 -0.91 2.53 -4.95
N TYR A 11 0.26 2.66 -4.36
CA TYR A 11 0.58 1.91 -3.17
C TYR A 11 -0.23 2.34 -1.98
N ALA A 12 -0.62 3.60 -1.94
CA ALA A 12 -1.49 4.11 -0.89
C ALA A 12 -2.79 3.31 -0.87
N GLY A 13 -3.22 2.89 -2.04
CA GLY A 13 -4.39 2.07 -2.15
C GLY A 13 -4.17 0.71 -1.52
N LYS A 14 -3.09 0.04 -1.92
CA LYS A 14 -2.82 -1.32 -1.46
C LYS A 14 -2.45 -1.36 -0.01
N ALA A 15 -1.74 -0.38 0.45
CA ALA A 15 -1.31 -0.34 1.82
C ALA A 15 -2.48 -0.07 2.74
N THR A 16 -3.45 0.68 2.29
CA THR A 16 -4.60 0.94 3.11
C THR A 16 -5.53 -0.28 3.15
N ILE A 17 -5.71 -0.95 2.02
CA ILE A 17 -6.56 -2.13 2.04
C ILE A 17 -5.84 -3.35 2.65
N PHE A 18 -4.69 -3.71 2.10
CA PHE A 18 -3.95 -4.88 2.54
C PHE A 18 -3.15 -4.61 3.83
N GLY A 19 -2.25 -3.64 3.74
CA GLY A 19 -1.36 -3.31 4.86
C GLY A 19 -2.12 -2.98 6.12
N LEU A 20 -3.06 -2.07 6.01
CA LEU A 20 -3.89 -1.71 7.14
C LEU A 20 -4.75 -2.86 7.64
N ALA A 21 -5.15 -3.76 6.75
CA ALA A 21 -5.93 -4.94 7.15
C ALA A 21 -5.14 -5.81 8.09
N ALA A 22 -3.84 -5.77 7.98
CA ALA A 22 -2.99 -6.55 8.84
C ALA A 22 -3.00 -5.99 10.24
N TRP A 23 -3.15 -4.70 10.35
CA TRP A 23 -3.17 -4.08 11.64
C TRP A 23 -4.58 -3.98 12.21
N ALA A 24 -5.52 -3.62 11.39
CA ALA A 24 -6.89 -3.54 11.82
C ALA A 24 -7.55 -4.92 11.98
N LEU A 25 -7.58 -5.67 10.89
CA LEU A 25 -8.27 -6.97 10.85
C LEU A 25 -7.46 -8.15 11.42
N LEU A 26 -6.17 -8.14 11.23
CA LEU A 26 -5.32 -9.27 11.61
C LEU A 26 -4.80 -9.14 13.03
N ALA A 27 -4.83 -7.97 13.55
CA ALA A 27 -4.32 -7.73 14.88
C ALA A 27 -5.44 -7.60 15.90
N ARG A 1 13.90 7.72 -8.35
CA ARG A 1 13.28 8.19 -9.59
C ARG A 1 12.23 7.21 -10.08
N ASN A 2 11.58 6.57 -9.15
CA ASN A 2 10.56 5.59 -9.45
C ASN A 2 9.21 6.13 -9.08
N LYS A 3 9.18 7.39 -8.66
CA LYS A 3 7.95 8.03 -8.26
C LYS A 3 7.02 8.16 -9.46
N LEU A 4 5.81 7.69 -9.31
CA LEU A 4 4.83 7.68 -10.36
C LEU A 4 3.49 7.44 -9.72
N ALA A 5 2.43 7.71 -10.45
CA ALA A 5 1.08 7.47 -9.98
C ALA A 5 0.88 6.01 -9.63
N TYR A 6 1.41 5.14 -10.44
CA TYR A 6 1.31 3.72 -10.18
C TYR A 6 2.25 3.27 -9.08
N ASN A 7 3.23 4.07 -8.79
CA ASN A 7 4.11 3.79 -7.68
C ASN A 7 3.42 4.11 -6.37
N MET A 8 3.09 5.36 -6.19
CA MET A 8 2.45 5.79 -4.97
C MET A 8 0.96 5.48 -4.90
N GLY A 9 0.19 6.04 -5.82
CA GLY A 9 -1.27 5.94 -5.75
C GLY A 9 -1.79 4.53 -5.92
N HIS A 10 -1.22 3.80 -6.84
CA HIS A 10 -1.64 2.43 -7.08
C HIS A 10 -1.25 1.55 -5.89
N TYR A 11 -0.03 1.70 -5.39
CA TYR A 11 0.38 0.93 -4.23
C TYR A 11 -0.38 1.33 -3.01
N ALA A 12 -0.66 2.62 -2.84
CA ALA A 12 -1.42 3.12 -1.70
C ALA A 12 -2.75 2.42 -1.60
N GLY A 13 -3.39 2.28 -2.75
CA GLY A 13 -4.65 1.60 -2.81
C GLY A 13 -4.52 0.14 -2.38
N LYS A 14 -3.53 -0.55 -2.94
CA LYS A 14 -3.38 -1.97 -2.67
C LYS A 14 -2.84 -2.23 -1.28
N ALA A 15 -1.93 -1.38 -0.84
CA ALA A 15 -1.31 -1.52 0.45
C ALA A 15 -2.29 -1.26 1.56
N THR A 16 -3.20 -0.35 1.35
CA THR A 16 -4.17 -0.05 2.37
C THR A 16 -5.23 -1.15 2.47
N ILE A 17 -5.63 -1.71 1.35
CA ILE A 17 -6.57 -2.80 1.42
C ILE A 17 -5.91 -4.13 1.83
N PHE A 18 -4.90 -4.54 1.10
CA PHE A 18 -4.23 -5.80 1.36
C PHE A 18 -3.24 -5.74 2.51
N GLY A 19 -2.22 -4.91 2.34
CA GLY A 19 -1.15 -4.77 3.32
C GLY A 19 -1.64 -4.40 4.70
N LEU A 20 -2.50 -3.42 4.76
CA LEU A 20 -3.04 -2.99 6.01
C LEU A 20 -3.94 -4.07 6.62
N ALA A 21 -4.60 -4.88 5.77
CA ALA A 21 -5.45 -5.96 6.26
C ALA A 21 -4.61 -7.02 6.94
N ALA A 22 -3.36 -7.10 6.53
CA ALA A 22 -2.43 -8.02 7.13
C ALA A 22 -2.15 -7.60 8.55
N TRP A 23 -2.18 -6.31 8.80
CA TRP A 23 -1.92 -5.81 10.12
C TRP A 23 -3.21 -5.68 10.94
N ALA A 24 -4.25 -5.24 10.31
CA ALA A 24 -5.52 -5.10 10.97
C ALA A 24 -6.25 -6.45 11.14
N LEU A 25 -6.54 -7.10 10.05
CA LEU A 25 -7.31 -8.34 10.03
C LEU A 25 -6.49 -9.60 10.35
N LEU A 26 -5.23 -9.60 9.99
CA LEU A 26 -4.41 -10.81 10.11
C LEU A 26 -3.54 -10.81 11.36
N ALA A 27 -3.37 -9.69 11.95
CA ALA A 27 -2.48 -9.59 13.08
C ALA A 27 -3.21 -9.32 14.39
N ARG A 1 -0.24 -2.40 13.95
CA ARG A 1 0.04 -3.77 14.34
C ARG A 1 -1.25 -4.55 14.39
N ASN A 2 -1.67 -5.05 13.25
CA ASN A 2 -2.88 -5.83 13.16
C ASN A 2 -2.80 -6.66 11.88
N LYS A 3 -2.89 -7.95 12.01
CA LYS A 3 -2.84 -8.78 10.85
C LYS A 3 -4.28 -9.05 10.41
N LEU A 4 -4.71 -8.30 9.46
CA LEU A 4 -6.09 -8.33 9.05
C LEU A 4 -6.18 -8.14 7.56
N ALA A 5 -7.29 -8.54 6.97
CA ALA A 5 -7.51 -8.42 5.54
C ALA A 5 -7.50 -6.96 5.10
N TYR A 6 -8.03 -6.11 5.93
CA TYR A 6 -8.06 -4.70 5.64
C TYR A 6 -6.72 -4.05 5.89
N ASN A 7 -6.00 -4.57 6.83
CA ASN A 7 -4.72 -4.00 7.14
C ASN A 7 -3.70 -4.40 6.08
N MET A 8 -3.60 -5.68 5.83
CA MET A 8 -2.67 -6.14 4.82
C MET A 8 -3.19 -5.93 3.38
N GLY A 9 -4.30 -6.58 3.06
CA GLY A 9 -4.83 -6.59 1.69
C GLY A 9 -5.41 -5.29 1.22
N HIS A 10 -6.21 -4.64 2.07
CA HIS A 10 -6.85 -3.38 1.66
C HIS A 10 -5.79 -2.31 1.46
N TYR A 11 -4.78 -2.29 2.34
CA TYR A 11 -3.67 -1.39 2.18
C TYR A 11 -2.82 -1.74 0.99
N ALA A 12 -2.66 -3.04 0.73
CA ALA A 12 -1.86 -3.50 -0.39
C ALA A 12 -2.35 -2.92 -1.70
N GLY A 13 -3.66 -2.86 -1.85
CA GLY A 13 -4.25 -2.28 -3.04
C GLY A 13 -3.89 -0.81 -3.18
N LYS A 14 -3.96 -0.08 -2.07
CA LYS A 14 -3.68 1.34 -2.07
C LYS A 14 -2.19 1.62 -2.18
N ALA A 15 -1.40 0.83 -1.50
CA ALA A 15 0.03 0.97 -1.48
C ALA A 15 0.65 0.62 -2.82
N THR A 16 0.04 -0.27 -3.55
CA THR A 16 0.55 -0.60 -4.85
C THR A 16 0.23 0.50 -5.87
N ILE A 17 -0.94 1.11 -5.77
CA ILE A 17 -1.21 2.20 -6.68
C ILE A 17 -0.53 3.50 -6.24
N PHE A 18 -0.77 3.93 -5.01
CA PHE A 18 -0.23 5.17 -4.50
C PHE A 18 1.22 5.07 -4.07
N GLY A 19 1.49 4.11 -3.20
CA GLY A 19 2.82 3.95 -2.63
C GLY A 19 3.85 3.62 -3.67
N LEU A 20 3.56 2.62 -4.45
CA LEU A 20 4.44 2.17 -5.49
C LEU A 20 4.69 3.27 -6.53
N ALA A 21 3.69 4.14 -6.74
CA ALA A 21 3.82 5.25 -7.66
C ALA A 21 4.92 6.20 -7.21
N ALA A 22 5.20 6.22 -5.93
CA ALA A 22 6.26 7.05 -5.40
C ALA A 22 7.61 6.53 -5.85
N TRP A 23 7.70 5.24 -6.01
CA TRP A 23 8.95 4.65 -6.43
C TRP A 23 9.03 4.55 -7.93
N ALA A 24 7.93 4.22 -8.56
CA ALA A 24 7.90 4.13 -10.00
C ALA A 24 7.84 5.51 -10.69
N LEU A 25 6.82 6.25 -10.39
CA LEU A 25 6.56 7.53 -11.03
C LEU A 25 7.37 8.69 -10.43
N LEU A 26 7.56 8.67 -9.13
CA LEU A 26 8.17 9.80 -8.42
C LEU A 26 9.70 9.70 -8.33
N ALA A 27 10.20 8.54 -8.56
CA ALA A 27 11.64 8.33 -8.45
C ALA A 27 12.28 8.24 -9.83
N ARG A 1 1.64 -4.50 14.80
CA ARG A 1 1.95 -5.53 13.79
C ARG A 1 0.71 -6.34 13.61
N ASN A 2 0.05 -6.18 12.50
CA ASN A 2 -1.22 -6.84 12.30
C ASN A 2 -1.23 -7.55 10.98
N LYS A 3 -1.03 -8.83 11.01
CA LYS A 3 -1.16 -9.61 9.81
C LYS A 3 -2.64 -9.85 9.60
N LEU A 4 -3.22 -9.11 8.73
CA LEU A 4 -4.63 -9.19 8.45
C LEU A 4 -4.83 -8.87 7.00
N ALA A 5 -5.90 -9.38 6.44
CA ALA A 5 -6.27 -9.14 5.05
C ALA A 5 -6.40 -7.66 4.76
N TYR A 6 -7.08 -6.98 5.64
CA TYR A 6 -7.29 -5.55 5.49
C TYR A 6 -6.02 -4.74 5.67
N ASN A 7 -5.12 -5.23 6.48
CA ASN A 7 -3.87 -4.52 6.65
C ASN A 7 -2.97 -4.78 5.46
N MET A 8 -2.69 -6.03 5.22
CA MET A 8 -1.76 -6.39 4.19
C MET A 8 -2.33 -6.28 2.80
N GLY A 9 -3.38 -7.03 2.53
CA GLY A 9 -3.94 -7.08 1.19
C GLY A 9 -4.61 -5.80 0.77
N HIS A 10 -5.38 -5.21 1.67
CA HIS A 10 -6.12 -4.00 1.34
C HIS A 10 -5.18 -2.80 1.10
N TYR A 11 -4.18 -2.64 1.95
CA TYR A 11 -3.20 -1.55 1.75
C TYR A 11 -2.26 -1.84 0.61
N ALA A 12 -1.97 -3.12 0.37
CA ALA A 12 -1.02 -3.53 -0.69
C ALA A 12 -1.43 -2.97 -2.02
N GLY A 13 -2.71 -3.07 -2.34
CA GLY A 13 -3.19 -2.55 -3.57
C GLY A 13 -3.02 -1.04 -3.66
N LYS A 14 -3.42 -0.35 -2.60
CA LYS A 14 -3.46 1.11 -2.61
C LYS A 14 -2.09 1.73 -2.51
N ALA A 15 -1.24 1.17 -1.67
CA ALA A 15 0.08 1.73 -1.47
C ALA A 15 0.94 1.53 -2.69
N THR A 16 0.75 0.44 -3.37
CA THR A 16 1.54 0.14 -4.54
C THR A 16 1.07 0.98 -5.74
N ILE A 17 -0.24 1.17 -5.90
CA ILE A 17 -0.68 2.00 -7.00
C ILE A 17 -0.50 3.50 -6.69
N PHE A 18 -1.06 3.96 -5.58
CA PHE A 18 -1.04 5.37 -5.21
C PHE A 18 0.28 5.81 -4.61
N GLY A 19 0.63 5.20 -3.48
CA GLY A 19 1.84 5.58 -2.75
C GLY A 19 3.09 5.44 -3.58
N LEU A 20 3.27 4.28 -4.16
CA LEU A 20 4.40 4.04 -5.04
C LEU A 20 4.43 4.95 -6.24
N ALA A 21 3.27 5.35 -6.72
CA ALA A 21 3.21 6.28 -7.83
C ALA A 21 3.91 7.60 -7.50
N ALA A 22 4.00 7.94 -6.24
CA ALA A 22 4.66 9.16 -5.86
C ALA A 22 6.18 9.01 -6.00
N TRP A 23 6.68 7.84 -5.72
CA TRP A 23 8.10 7.64 -5.82
C TRP A 23 8.51 7.15 -7.21
N ALA A 24 7.74 6.27 -7.77
CA ALA A 24 8.01 5.78 -9.11
C ALA A 24 7.61 6.80 -10.19
N LEU A 25 6.35 7.18 -10.20
CA LEU A 25 5.79 8.01 -11.26
C LEU A 25 6.06 9.51 -11.08
N LEU A 26 6.07 9.96 -9.84
CA LEU A 26 6.20 11.39 -9.54
C LEU A 26 7.65 11.81 -9.36
N ALA A 27 8.49 10.86 -9.14
CA ALA A 27 9.89 11.17 -8.92
C ALA A 27 10.72 10.89 -10.17
N ARG A 1 0.02 -3.74 16.72
CA ARG A 1 -0.65 -3.69 15.43
C ARG A 1 -1.46 -4.95 15.28
N ASN A 2 -2.24 -5.01 14.24
CA ASN A 2 -3.00 -6.20 13.92
C ASN A 2 -3.07 -6.31 12.43
N LYS A 3 -3.67 -7.34 11.94
CA LYS A 3 -3.78 -7.49 10.52
C LYS A 3 -5.26 -7.54 10.18
N LEU A 4 -5.57 -7.31 8.93
CA LEU A 4 -6.92 -7.32 8.44
C LEU A 4 -6.81 -7.43 6.93
N ALA A 5 -7.84 -7.88 6.26
CA ALA A 5 -7.79 -8.05 4.82
C ALA A 5 -7.74 -6.72 4.11
N TYR A 6 -8.47 -5.78 4.62
CA TYR A 6 -8.42 -4.42 4.07
C TYR A 6 -7.17 -3.70 4.48
N ASN A 7 -6.55 -4.18 5.52
CA ASN A 7 -5.28 -3.65 5.95
C ASN A 7 -4.18 -4.14 5.05
N MET A 8 -4.01 -5.43 5.01
CA MET A 8 -2.93 -6.02 4.26
C MET A 8 -3.20 -6.05 2.76
N GLY A 9 -4.26 -6.74 2.37
CA GLY A 9 -4.56 -6.97 0.98
C GLY A 9 -4.94 -5.73 0.22
N HIS A 10 -5.77 -4.91 0.84
CA HIS A 10 -6.24 -3.71 0.18
C HIS A 10 -5.08 -2.73 0.00
N TYR A 11 -4.27 -2.56 1.04
CA TYR A 11 -3.11 -1.68 0.95
C TYR A 11 -2.03 -2.22 0.05
N ALA A 12 -1.92 -3.54 -0.05
CA ALA A 12 -0.97 -4.16 -0.95
C ALA A 12 -1.24 -3.72 -2.39
N GLY A 13 -2.51 -3.60 -2.71
CA GLY A 13 -2.89 -3.14 -4.01
C GLY A 13 -2.64 -1.66 -4.17
N LYS A 14 -3.08 -0.91 -3.18
CA LYS A 14 -3.03 0.54 -3.18
C LYS A 14 -1.63 1.09 -3.16
N ALA A 15 -0.74 0.45 -2.43
CA ALA A 15 0.63 0.90 -2.39
C ALA A 15 1.34 0.58 -3.68
N THR A 16 0.90 -0.45 -4.36
CA THR A 16 1.48 -0.81 -5.62
C THR A 16 0.99 0.14 -6.72
N ILE A 17 -0.28 0.49 -6.70
CA ILE A 17 -0.77 1.40 -7.71
C ILE A 17 -0.37 2.86 -7.39
N PHE A 18 -0.72 3.34 -6.21
CA PHE A 18 -0.44 4.72 -5.83
C PHE A 18 1.00 4.95 -5.39
N GLY A 19 1.40 4.25 -4.33
CA GLY A 19 2.72 4.41 -3.75
C GLY A 19 3.82 4.18 -4.74
N LEU A 20 3.76 3.05 -5.40
CA LEU A 20 4.72 2.75 -6.43
C LEU A 20 4.70 3.70 -7.58
N ALA A 21 3.56 4.27 -7.91
CA ALA A 21 3.48 5.26 -8.99
C ALA A 21 4.30 6.49 -8.62
N ALA A 22 4.39 6.79 -7.36
CA ALA A 22 5.19 7.91 -6.89
C ALA A 22 6.67 7.59 -6.99
N TRP A 23 7.02 6.35 -6.83
CA TRP A 23 8.41 6.02 -6.90
C TRP A 23 8.84 5.68 -8.32
N ALA A 24 8.00 4.98 -9.04
CA ALA A 24 8.30 4.64 -10.40
C ALA A 24 8.08 5.80 -11.39
N LEU A 25 6.91 6.39 -11.34
CA LEU A 25 6.52 7.47 -12.26
C LEU A 25 7.05 8.86 -11.87
N LEU A 26 7.15 9.13 -10.57
CA LEU A 26 7.47 10.47 -10.10
C LEU A 26 8.95 10.68 -9.82
N ALA A 27 9.64 9.61 -9.61
CA ALA A 27 11.06 9.69 -9.28
C ALA A 27 11.91 9.67 -10.55
N ARG A 1 -4.22 9.21 -13.13
CA ARG A 1 -3.13 8.70 -13.95
C ARG A 1 -1.84 9.03 -13.27
N ASN A 2 -1.35 8.08 -12.52
CA ASN A 2 -0.17 8.27 -11.71
C ASN A 2 0.65 7.03 -11.76
N LYS A 3 1.95 7.21 -11.69
CA LYS A 3 2.87 6.13 -11.61
C LYS A 3 4.10 6.69 -10.96
N LEU A 4 4.48 6.16 -9.84
CA LEU A 4 5.67 6.60 -9.17
C LEU A 4 6.21 5.46 -8.36
N ALA A 5 7.51 5.46 -8.12
CA ALA A 5 8.16 4.43 -7.31
C ALA A 5 7.56 4.40 -5.92
N TYR A 6 7.28 5.55 -5.41
CA TYR A 6 6.71 5.68 -4.08
C TYR A 6 5.21 5.48 -4.08
N ASN A 7 4.57 5.76 -5.19
CA ASN A 7 3.14 5.56 -5.27
C ASN A 7 2.82 4.09 -5.40
N MET A 8 3.39 3.47 -6.40
CA MET A 8 3.14 2.06 -6.65
C MET A 8 3.92 1.16 -5.69
N GLY A 9 5.22 1.27 -5.73
CA GLY A 9 6.09 0.35 -5.02
C GLY A 9 6.07 0.52 -3.53
N HIS A 10 6.13 1.74 -3.07
CA HIS A 10 6.21 2.00 -1.64
C HIS A 10 4.87 1.64 -0.97
N TYR A 11 3.77 1.97 -1.64
CA TYR A 11 2.45 1.60 -1.15
C TYR A 11 2.21 0.12 -1.20
N ALA A 12 2.84 -0.57 -2.14
CA ALA A 12 2.73 -2.02 -2.21
C ALA A 12 3.19 -2.65 -0.89
N GLY A 13 4.23 -2.07 -0.31
CA GLY A 13 4.72 -2.54 0.97
C GLY A 13 3.81 -2.09 2.09
N LYS A 14 3.43 -0.81 2.07
CA LYS A 14 2.57 -0.23 3.10
C LYS A 14 1.20 -0.88 3.19
N ALA A 15 0.61 -1.18 2.06
CA ALA A 15 -0.68 -1.80 2.05
C ALA A 15 -0.57 -3.25 2.49
N THR A 16 0.56 -3.85 2.28
CA THR A 16 0.76 -5.19 2.74
C THR A 16 0.99 -5.23 4.27
N ILE A 17 1.72 -4.29 4.81
CA ILE A 17 1.89 -4.27 6.24
C ILE A 17 0.62 -3.71 6.94
N PHE A 18 0.21 -2.53 6.56
CA PHE A 18 -0.94 -1.87 7.18
C PHE A 18 -2.28 -2.40 6.69
N GLY A 19 -2.49 -2.33 5.38
CA GLY A 19 -3.76 -2.72 4.77
C GLY A 19 -4.10 -4.17 5.05
N LEU A 20 -3.15 -5.03 4.76
CA LEU A 20 -3.34 -6.45 4.97
C LEU A 20 -3.57 -6.77 6.45
N ALA A 21 -3.00 -5.96 7.37
CA ALA A 21 -3.21 -6.16 8.79
C ALA A 21 -4.68 -5.99 9.16
N ALA A 22 -5.37 -5.15 8.42
CA ALA A 22 -6.79 -4.91 8.63
C ALA A 22 -7.58 -6.15 8.26
N TRP A 23 -7.10 -6.87 7.30
CA TRP A 23 -7.78 -8.06 6.88
C TRP A 23 -7.32 -9.28 7.66
N ALA A 24 -6.04 -9.37 7.91
CA ALA A 24 -5.47 -10.47 8.65
C ALA A 24 -5.74 -10.38 10.15
N LEU A 25 -5.28 -9.29 10.74
CA LEU A 25 -5.35 -9.08 12.18
C LEU A 25 -6.70 -8.56 12.69
N LEU A 26 -7.44 -7.86 11.87
CA LEU A 26 -8.68 -7.25 12.31
C LEU A 26 -9.90 -8.09 11.94
N ALA A 27 -9.77 -8.82 10.91
CA ALA A 27 -10.89 -9.62 10.39
C ALA A 27 -10.71 -11.11 10.65
N ARG A 1 14.56 7.88 -6.02
CA ARG A 1 13.84 8.16 -4.80
C ARG A 1 13.06 9.44 -5.09
N ASN A 2 11.97 9.28 -5.80
CA ASN A 2 11.19 10.40 -6.27
C ASN A 2 9.79 10.25 -5.74
N LYS A 3 9.04 11.30 -5.73
CA LYS A 3 7.67 11.26 -5.33
C LYS A 3 6.84 11.08 -6.56
N LEU A 4 6.19 9.97 -6.68
CA LEU A 4 5.39 9.70 -7.83
C LEU A 4 4.05 9.17 -7.39
N ALA A 5 3.01 9.51 -8.14
CA ALA A 5 1.64 9.09 -7.85
C ALA A 5 1.50 7.59 -7.88
N TYR A 6 2.24 6.96 -8.74
CA TYR A 6 2.22 5.52 -8.84
C TYR A 6 2.93 4.88 -7.67
N ASN A 7 3.92 5.55 -7.15
CA ASN A 7 4.67 5.04 -6.02
C ASN A 7 3.89 5.20 -4.75
N MET A 8 3.59 6.43 -4.41
CA MET A 8 2.84 6.69 -3.21
C MET A 8 1.35 6.42 -3.35
N GLY A 9 0.71 7.14 -4.24
CA GLY A 9 -0.75 7.08 -4.37
C GLY A 9 -1.28 5.71 -4.74
N HIS A 10 -0.71 5.11 -5.78
CA HIS A 10 -1.16 3.82 -6.27
C HIS A 10 -0.98 2.74 -5.19
N TYR A 11 0.17 2.76 -4.54
CA TYR A 11 0.43 1.80 -3.47
C TYR A 11 -0.35 2.09 -2.22
N ALA A 12 -0.56 3.36 -1.91
CA ALA A 12 -1.31 3.76 -0.72
C ALA A 12 -2.68 3.13 -0.72
N GLY A 13 -3.29 3.05 -1.89
CA GLY A 13 -4.57 2.42 -2.01
C GLY A 13 -4.51 0.93 -1.70
N LYS A 14 -3.53 0.27 -2.28
CA LYS A 14 -3.39 -1.18 -2.14
C LYS A 14 -2.86 -1.58 -0.76
N ALA A 15 -1.94 -0.81 -0.24
CA ALA A 15 -1.36 -1.06 1.06
C ALA A 15 -2.38 -0.85 2.16
N THR A 16 -3.31 0.05 1.94
CA THR A 16 -4.34 0.28 2.90
C THR A 16 -5.37 -0.83 2.88
N ILE A 17 -5.71 -1.33 1.72
CA ILE A 17 -6.66 -2.41 1.69
C ILE A 17 -6.00 -3.74 2.09
N PHE A 18 -4.93 -4.12 1.43
CA PHE A 18 -4.26 -5.38 1.69
C PHE A 18 -3.38 -5.36 2.93
N GLY A 19 -2.37 -4.52 2.90
CA GLY A 19 -1.39 -4.43 3.97
C GLY A 19 -2.01 -4.11 5.30
N LEU A 20 -2.80 -3.06 5.33
CA LEU A 20 -3.51 -2.71 6.53
C LEU A 20 -4.48 -3.76 6.99
N ALA A 21 -5.04 -4.52 6.09
CA ALA A 21 -5.91 -5.63 6.51
C ALA A 21 -5.09 -6.67 7.27
N ALA A 22 -3.86 -6.85 6.85
CA ALA A 22 -2.97 -7.82 7.48
C ALA A 22 -2.49 -7.29 8.82
N TRP A 23 -2.33 -6.00 8.90
CA TRP A 23 -1.83 -5.38 10.09
C TRP A 23 -2.91 -5.00 11.08
N ALA A 24 -3.91 -4.33 10.62
CA ALA A 24 -4.99 -3.91 11.49
C ALA A 24 -5.91 -5.06 11.86
N LEU A 25 -6.38 -5.75 10.84
CA LEU A 25 -7.36 -6.82 11.01
C LEU A 25 -6.76 -8.17 11.42
N LEU A 26 -5.58 -8.47 10.92
CA LEU A 26 -5.00 -9.80 11.12
C LEU A 26 -4.01 -9.86 12.28
N ALA A 27 -3.47 -8.74 12.63
CA ALA A 27 -2.43 -8.70 13.65
C ALA A 27 -2.98 -8.24 15.00
N ARG A 1 15.94 8.06 -5.87
CA ARG A 1 14.94 7.12 -5.41
C ARG A 1 13.68 7.34 -6.20
N ASN A 2 12.89 6.30 -6.35
CA ASN A 2 11.63 6.41 -7.04
C ASN A 2 10.64 7.12 -6.16
N LYS A 3 10.33 8.33 -6.53
CA LYS A 3 9.39 9.12 -5.83
C LYS A 3 8.48 9.70 -6.87
N LEU A 4 7.21 9.43 -6.77
CA LEU A 4 6.28 9.78 -7.79
C LEU A 4 4.90 9.68 -7.21
N ALA A 5 3.94 10.28 -7.88
CA ALA A 5 2.54 10.23 -7.49
C ALA A 5 2.08 8.78 -7.45
N TYR A 6 2.53 8.02 -8.40
CA TYR A 6 2.20 6.61 -8.49
C TYR A 6 3.02 5.78 -7.52
N ASN A 7 4.06 6.35 -6.98
CA ASN A 7 4.84 5.66 -5.97
C ASN A 7 4.08 5.71 -4.66
N MET A 8 3.85 6.90 -4.18
CA MET A 8 3.14 7.08 -2.94
C MET A 8 1.65 6.89 -3.08
N GLY A 9 1.02 7.70 -3.92
CA GLY A 9 -0.43 7.72 -4.02
C GLY A 9 -1.04 6.41 -4.44
N HIS A 10 -0.48 5.83 -5.50
CA HIS A 10 -0.99 4.57 -6.03
C HIS A 10 -0.82 3.44 -4.99
N TYR A 11 0.30 3.42 -4.31
CA TYR A 11 0.54 2.45 -3.27
C TYR A 11 -0.26 2.73 -2.02
N ALA A 12 -0.50 3.99 -1.73
CA ALA A 12 -1.20 4.39 -0.51
C ALA A 12 -2.56 3.73 -0.40
N GLY A 13 -3.28 3.72 -1.50
CA GLY A 13 -4.59 3.09 -1.50
C GLY A 13 -4.49 1.58 -1.35
N LYS A 14 -3.49 1.00 -1.97
CA LYS A 14 -3.31 -0.44 -1.93
C LYS A 14 -2.74 -0.89 -0.59
N ALA A 15 -1.97 -0.04 0.01
CA ALA A 15 -1.36 -0.31 1.29
C ALA A 15 -2.39 -0.32 2.39
N THR A 16 -3.42 0.46 2.24
CA THR A 16 -4.47 0.47 3.24
C THR A 16 -5.29 -0.83 3.15
N ILE A 17 -5.50 -1.35 1.97
CA ILE A 17 -6.21 -2.60 1.87
C ILE A 17 -5.30 -3.79 2.21
N PHE A 18 -4.16 -3.90 1.54
CA PHE A 18 -3.24 -5.00 1.76
C PHE A 18 -2.39 -4.85 3.00
N GLY A 19 -1.57 -3.81 3.03
CA GLY A 19 -0.63 -3.58 4.11
C GLY A 19 -1.28 -3.49 5.46
N LEU A 20 -2.30 -2.66 5.53
CA LEU A 20 -3.01 -2.45 6.75
C LEU A 20 -3.70 -3.72 7.21
N ALA A 21 -4.11 -4.58 6.27
CA ALA A 21 -4.78 -5.84 6.61
C ALA A 21 -3.92 -6.71 7.51
N ALA A 22 -2.60 -6.55 7.44
CA ALA A 22 -1.72 -7.34 8.26
C ALA A 22 -1.81 -6.91 9.71
N TRP A 23 -2.04 -5.65 9.93
CA TRP A 23 -2.17 -5.16 11.26
C TRP A 23 -3.61 -5.20 11.75
N ALA A 24 -4.53 -4.92 10.86
CA ALA A 24 -5.94 -4.93 11.20
C ALA A 24 -6.51 -6.35 11.31
N LEU A 25 -6.42 -7.09 10.23
CA LEU A 25 -6.99 -8.43 10.13
C LEU A 25 -6.11 -9.53 10.73
N LEU A 26 -4.81 -9.39 10.61
CA LEU A 26 -3.88 -10.44 11.00
C LEU A 26 -3.36 -10.29 12.44
N ALA A 27 -3.43 -9.12 12.94
CA ALA A 27 -2.89 -8.85 14.26
C ALA A 27 -3.98 -8.63 15.29
N ARG A 1 10.32 6.83 -12.50
CA ARG A 1 11.63 7.08 -11.95
C ARG A 1 11.46 7.55 -10.53
N ASN A 2 12.02 6.79 -9.60
CA ASN A 2 11.95 7.06 -8.15
C ASN A 2 10.54 6.81 -7.61
N LYS A 3 9.64 7.68 -7.96
CA LYS A 3 8.28 7.58 -7.54
C LYS A 3 7.42 7.33 -8.77
N LEU A 4 6.35 6.60 -8.58
CA LEU A 4 5.41 6.37 -9.64
C LEU A 4 4.04 6.39 -9.00
N ALA A 5 3.04 6.85 -9.72
CA ALA A 5 1.68 7.00 -9.21
C ALA A 5 1.12 5.67 -8.70
N TYR A 6 1.37 4.64 -9.44
CA TYR A 6 0.89 3.32 -9.08
C TYR A 6 1.72 2.71 -7.98
N ASN A 7 2.95 3.08 -7.91
CA ASN A 7 3.82 2.54 -6.90
C ASN A 7 3.53 3.17 -5.56
N MET A 8 3.50 4.47 -5.55
CA MET A 8 3.22 5.18 -4.33
C MET A 8 1.74 5.17 -3.96
N GLY A 9 0.92 5.74 -4.82
CA GLY A 9 -0.48 5.93 -4.52
C GLY A 9 -1.31 4.68 -4.56
N HIS A 10 -1.08 3.84 -5.55
CA HIS A 10 -1.90 2.63 -5.68
C HIS A 10 -1.58 1.64 -4.55
N TYR A 11 -0.31 1.51 -4.19
CA TYR A 11 0.06 0.67 -3.06
C TYR A 11 -0.37 1.26 -1.75
N ALA A 12 -0.40 2.58 -1.66
CA ALA A 12 -0.84 3.27 -0.46
C ALA A 12 -2.27 2.87 -0.11
N GLY A 13 -3.06 2.63 -1.12
CA GLY A 13 -4.39 2.17 -0.90
C GLY A 13 -4.42 0.71 -0.45
N LYS A 14 -3.70 -0.14 -1.17
CA LYS A 14 -3.70 -1.57 -0.91
C LYS A 14 -3.04 -1.95 0.38
N ALA A 15 -1.95 -1.29 0.70
CA ALA A 15 -1.24 -1.60 1.92
C ALA A 15 -2.03 -1.16 3.13
N THR A 16 -2.80 -0.12 2.98
CA THR A 16 -3.60 0.34 4.08
C THR A 16 -4.82 -0.58 4.28
N ILE A 17 -5.39 -1.09 3.21
CA ILE A 17 -6.49 -2.01 3.39
C ILE A 17 -6.01 -3.43 3.77
N PHE A 18 -5.14 -4.02 2.97
CA PHE A 18 -4.68 -5.37 3.22
C PHE A 18 -3.60 -5.44 4.30
N GLY A 19 -2.48 -4.79 4.03
CA GLY A 19 -1.33 -4.79 4.94
C GLY A 19 -1.68 -4.33 6.33
N LEU A 20 -2.34 -3.20 6.42
CA LEU A 20 -2.72 -2.67 7.71
C LEU A 20 -3.71 -3.58 8.42
N ALA A 21 -4.55 -4.30 7.67
CA ALA A 21 -5.53 -5.23 8.25
C ALA A 21 -4.83 -6.34 9.01
N ALA A 22 -3.61 -6.64 8.61
CA ALA A 22 -2.82 -7.64 9.28
C ALA A 22 -2.42 -7.15 10.67
N TRP A 23 -2.23 -5.86 10.80
CA TRP A 23 -1.85 -5.34 12.08
C TRP A 23 -3.07 -4.97 12.92
N ALA A 24 -4.05 -4.39 12.29
CA ALA A 24 -5.25 -4.00 12.98
C ALA A 24 -6.14 -5.20 13.29
N LEU A 25 -6.57 -5.88 12.25
CA LEU A 25 -7.52 -6.97 12.37
C LEU A 25 -6.89 -8.32 12.77
N LEU A 26 -5.67 -8.57 12.34
CA LEU A 26 -5.05 -9.89 12.54
C LEU A 26 -4.22 -9.95 13.82
N ALA A 27 -3.87 -8.82 14.33
CA ALA A 27 -3.04 -8.76 15.51
C ALA A 27 -3.83 -8.29 16.73
N ARG A 1 3.36 -5.45 15.97
CA ARG A 1 2.59 -6.68 15.81
C ARG A 1 1.10 -6.35 15.66
N ASN A 2 0.75 -5.09 15.78
CA ASN A 2 -0.65 -4.71 15.71
C ASN A 2 -1.04 -4.53 14.26
N LYS A 3 -1.57 -5.58 13.73
CA LYS A 3 -1.96 -5.66 12.36
C LYS A 3 -3.41 -6.06 12.26
N LEU A 4 -3.85 -6.21 11.05
CA LEU A 4 -5.17 -6.62 10.71
C LEU A 4 -5.08 -6.97 9.25
N ALA A 5 -6.04 -7.72 8.76
CA ALA A 5 -6.07 -8.11 7.36
C ALA A 5 -6.23 -6.90 6.46
N TYR A 6 -6.92 -5.91 6.97
CA TYR A 6 -7.09 -4.68 6.24
C TYR A 6 -5.92 -3.73 6.44
N ASN A 7 -5.19 -3.95 7.50
CA ASN A 7 -4.02 -3.16 7.78
C ASN A 7 -2.89 -3.57 6.88
N MET A 8 -2.50 -4.82 6.97
CA MET A 8 -1.42 -5.30 6.13
C MET A 8 -1.83 -5.57 4.68
N GLY A 9 -2.77 -6.48 4.51
CA GLY A 9 -3.17 -6.94 3.19
C GLY A 9 -3.84 -5.88 2.34
N HIS A 10 -4.81 -5.20 2.89
CA HIS A 10 -5.55 -4.19 2.15
C HIS A 10 -4.65 -3.02 1.74
N TYR A 11 -3.78 -2.59 2.65
CA TYR A 11 -2.82 -1.55 2.33
C TYR A 11 -1.79 -2.02 1.34
N ALA A 12 -1.39 -3.29 1.43
CA ALA A 12 -0.40 -3.85 0.51
C ALA A 12 -0.87 -3.70 -0.93
N GLY A 13 -2.14 -3.95 -1.14
CA GLY A 13 -2.72 -3.81 -2.45
C GLY A 13 -2.70 -2.38 -2.95
N LYS A 14 -3.07 -1.46 -2.09
CA LYS A 14 -3.16 -0.06 -2.47
C LYS A 14 -1.81 0.59 -2.57
N ALA A 15 -0.91 0.23 -1.69
CA ALA A 15 0.40 0.83 -1.68
C ALA A 15 1.20 0.43 -2.90
N THR A 16 0.97 -0.74 -3.42
CA THR A 16 1.67 -1.15 -4.60
C THR A 16 1.11 -0.46 -5.85
N ILE A 17 -0.20 -0.29 -5.93
CA ILE A 17 -0.75 0.38 -7.08
C ILE A 17 -0.56 1.91 -6.99
N PHE A 18 -1.04 2.51 -5.92
CA PHE A 18 -0.97 3.95 -5.72
C PHE A 18 0.39 4.42 -5.23
N GLY A 19 0.77 3.96 -4.05
CA GLY A 19 2.02 4.34 -3.40
C GLY A 19 3.23 4.14 -4.26
N LEU A 20 3.32 2.97 -4.86
CA LEU A 20 4.43 2.67 -5.72
C LEU A 20 4.42 3.56 -6.95
N ALA A 21 3.22 3.94 -7.43
CA ALA A 21 3.12 4.83 -8.59
C ALA A 21 3.68 6.20 -8.23
N ALA A 22 3.58 6.54 -6.97
CA ALA A 22 4.13 7.79 -6.48
C ALA A 22 5.65 7.72 -6.48
N TRP A 23 6.17 6.56 -6.27
CA TRP A 23 7.60 6.39 -6.22
C TRP A 23 8.19 6.10 -7.59
N ALA A 24 7.56 5.26 -8.34
CA ALA A 24 8.00 4.95 -9.66
C ALA A 24 7.66 6.06 -10.65
N LEU A 25 6.37 6.31 -10.79
CA LEU A 25 5.84 7.22 -11.80
C LEU A 25 5.91 8.70 -11.44
N LEU A 26 5.95 9.01 -10.16
CA LEU A 26 5.93 10.42 -9.72
C LEU A 26 7.33 10.91 -9.32
N ALA A 27 8.20 9.99 -9.06
CA ALA A 27 9.54 10.33 -8.63
C ALA A 27 10.57 10.03 -9.72
N ARG A 1 16.35 9.98 -7.67
CA ARG A 1 14.93 9.79 -7.89
C ARG A 1 14.57 8.43 -7.38
N ASN A 2 13.30 8.19 -7.12
CA ASN A 2 12.85 6.89 -6.58
C ASN A 2 11.34 6.83 -6.54
N LYS A 3 10.74 7.94 -6.26
CA LYS A 3 9.31 8.01 -6.11
C LYS A 3 8.64 8.25 -7.46
N LEU A 4 7.38 7.90 -7.53
CA LEU A 4 6.51 8.09 -8.65
C LEU A 4 5.11 7.93 -8.10
N ALA A 5 4.13 8.33 -8.85
CA ALA A 5 2.73 8.22 -8.47
C ALA A 5 2.35 6.79 -8.14
N TYR A 6 2.88 5.87 -8.91
CA TYR A 6 2.62 4.45 -8.67
C TYR A 6 3.36 3.93 -7.46
N ASN A 7 4.49 4.51 -7.18
CA ASN A 7 5.31 4.08 -6.07
C ASN A 7 4.66 4.46 -4.77
N MET A 8 4.46 5.72 -4.55
CA MET A 8 3.81 6.16 -3.34
C MET A 8 2.28 6.00 -3.38
N GLY A 9 1.64 6.69 -4.32
CA GLY A 9 0.19 6.77 -4.37
C GLY A 9 -0.50 5.45 -4.64
N HIS A 10 -0.03 4.72 -5.65
CA HIS A 10 -0.66 3.45 -6.00
C HIS A 10 -0.43 2.44 -4.90
N TYR A 11 0.76 2.39 -4.37
CA TYR A 11 1.06 1.48 -3.28
C TYR A 11 0.37 1.84 -2.01
N ALA A 12 0.09 3.12 -1.82
CA ALA A 12 -0.61 3.57 -0.62
C ALA A 12 -1.95 2.85 -0.48
N GLY A 13 -2.60 2.62 -1.59
CA GLY A 13 -3.86 1.91 -1.59
C GLY A 13 -3.64 0.43 -1.27
N LYS A 14 -2.66 -0.18 -1.91
CA LYS A 14 -2.38 -1.61 -1.71
C LYS A 14 -1.81 -1.89 -0.34
N ALA A 15 -1.06 -0.96 0.18
CA ALA A 15 -0.48 -1.10 1.48
C ALA A 15 -1.54 -0.99 2.56
N THR A 16 -2.61 -0.28 2.27
CA THR A 16 -3.69 -0.18 3.23
C THR A 16 -4.49 -1.49 3.24
N ILE A 17 -4.68 -2.12 2.09
CA ILE A 17 -5.38 -3.38 2.09
C ILE A 17 -4.46 -4.53 2.55
N PHE A 18 -3.35 -4.72 1.88
CA PHE A 18 -2.45 -5.82 2.15
C PHE A 18 -1.55 -5.59 3.36
N GLY A 19 -0.86 -4.46 3.34
CA GLY A 19 0.08 -4.12 4.41
C GLY A 19 -0.60 -4.00 5.73
N LEU A 20 -1.64 -3.19 5.77
CA LEU A 20 -2.44 -3.02 6.97
C LEU A 20 -3.10 -4.30 7.43
N ALA A 21 -3.43 -5.19 6.50
CA ALA A 21 -4.00 -6.50 6.88
C ALA A 21 -3.03 -7.28 7.76
N ALA A 22 -1.75 -7.00 7.63
CA ALA A 22 -0.74 -7.63 8.45
C ALA A 22 -0.82 -7.13 9.89
N TRP A 23 -1.21 -5.90 10.08
CA TRP A 23 -1.29 -5.37 11.41
C TRP A 23 -2.67 -5.59 12.00
N ALA A 24 -3.68 -5.41 11.19
CA ALA A 24 -5.04 -5.62 11.63
C ALA A 24 -5.41 -7.12 11.72
N LEU A 25 -5.32 -7.81 10.60
CA LEU A 25 -5.75 -9.20 10.49
C LEU A 25 -4.73 -10.23 10.98
N LEU A 26 -3.46 -9.89 10.96
CA LEU A 26 -2.39 -10.85 11.27
C LEU A 26 -1.84 -10.71 12.68
N ALA A 27 -1.99 -9.56 13.21
CA ALA A 27 -1.37 -9.24 14.47
C ALA A 27 -2.36 -9.29 15.63
#